data_2OBF
#
_entry.id   2OBF
#
_cell.length_a   94.680
_cell.length_b   94.680
_cell.length_c   188.300
_cell.angle_alpha   90.00
_cell.angle_beta   90.00
_cell.angle_gamma   90.00
#
_symmetry.space_group_name_H-M   'P 43 21 2'
#
loop_
_entity.id
_entity.type
_entity.pdbx_description
1 polymer 'Phenylethanolamine N-methyltransferase'
2 non-polymer (3R)-N-(4-CHLOROPHENYL)-3-(HYDROXYMETHYL)-1,2,3,4-TETRAHYDROISOQUINOLINE-7-SULFONAMIDE
3 non-polymer S-ADENOSYL-L-HOMOCYSTEINE
4 water water
#
_entity_poly.entity_id   1
_entity_poly.type   'polypeptide(L)'
_entity_poly.pdbx_seq_one_letter_code
;MSGADRSPNAGAAPDSAPGQAAVASAYQRFEPRAYLRNNYAPPRGDLCNPNGVGPWALRCLAQTFATGEVSGRTLIDIGS
GPTVYQLLSACSHFEDITMTDFLEVNRQELGRWLQEEPGAFNWSMYSQHACLIEGKGECWQDKERQLRARVKRVLPIDVH
QPQPLGAGSPAPLPADALVSAFCLEAVSPDLASFQRALDHITTLLRPGGHLLLIGALEESWYLAGEARLTVVPVSEEEVR
EALVRSGYKVRDLRTYIMPAHLQTGVDDVKGVFFAWAQKVGLEHHHHHH
;
_entity_poly.pdbx_strand_id   A,B
#
loop_
_chem_comp.id
_chem_comp.type
_chem_comp.name
_chem_comp.formula
F83 non-polymer (3R)-N-(4-CHLOROPHENYL)-3-(HYDROXYMETHYL)-1,2,3,4-TETRAHYDROISOQUINOLINE-7-SULFONAMIDE 'C16 H17 Cl N2 O3 S'
SAH non-polymer S-ADENOSYL-L-HOMOCYSTEINE 'C14 H20 N6 O5 S'
#
# COMPACT_ATOMS: atom_id res chain seq x y z
N ALA A 24 -36.34 5.77 13.81
CA ALA A 24 -35.92 5.16 15.11
C ALA A 24 -36.15 3.65 15.10
N SER A 25 -37.41 3.24 15.05
CA SER A 25 -37.77 1.82 15.02
C SER A 25 -37.40 1.26 13.65
N ALA A 26 -37.11 2.16 12.71
CA ALA A 26 -36.71 1.76 11.37
C ALA A 26 -35.31 1.19 11.42
N TYR A 27 -34.54 1.60 12.43
CA TYR A 27 -33.17 1.11 12.59
C TYR A 27 -33.14 -0.34 13.06
N GLN A 28 -34.32 -0.92 13.24
CA GLN A 28 -34.40 -2.29 13.66
C GLN A 28 -34.25 -3.26 12.49
N ARG A 29 -34.48 -2.76 11.29
CA ARG A 29 -34.36 -3.57 10.07
C ARG A 29 -33.03 -3.30 9.37
N PHE A 30 -32.25 -2.37 9.95
CA PHE A 30 -30.95 -1.95 9.44
C PHE A 30 -29.95 -3.10 9.28
N GLU A 31 -29.60 -3.40 8.05
CA GLU A 31 -28.64 -4.47 7.73
C GLU A 31 -27.22 -3.92 7.46
N PRO A 32 -26.28 -4.14 8.39
CA PRO A 32 -24.89 -3.67 8.25
C PRO A 32 -24.23 -4.02 6.91
N ARG A 33 -24.42 -5.26 6.45
CA ARG A 33 -23.82 -5.69 5.21
C ARG A 33 -24.38 -4.92 4.02
N ALA A 34 -25.67 -4.61 4.07
CA ALA A 34 -26.29 -3.88 2.98
C ALA A 34 -25.79 -2.43 3.05
N TYR A 35 -25.66 -1.92 4.26
CA TYR A 35 -25.18 -0.55 4.45
C TYR A 35 -23.77 -0.40 3.86
N LEU A 36 -22.93 -1.39 4.16
CA LEU A 36 -21.55 -1.42 3.71
C LEU A 36 -21.35 -1.48 2.20
N ARG A 37 -22.11 -2.31 1.51
CA ARG A 37 -21.95 -2.38 0.07
C ARG A 37 -22.58 -1.17 -0.64
N ASN A 38 -23.57 -0.56 0.01
CA ASN A 38 -24.24 0.60 -0.56
C ASN A 38 -23.35 1.83 -0.54
N ASN A 39 -22.48 1.89 0.48
CA ASN A 39 -21.62 3.05 0.68
C ASN A 39 -20.10 2.90 0.67
N TYR A 40 -19.59 1.72 1.00
CA TYR A 40 -18.15 1.57 1.06
C TYR A 40 -17.54 0.59 0.08
N ALA A 41 -18.36 0.11 -0.84
CA ALA A 41 -17.91 -0.80 -1.87
C ALA A 41 -18.08 -0.02 -3.17
N PRO A 42 -17.42 -0.44 -4.25
CA PRO A 42 -17.53 0.27 -5.53
C PRO A 42 -18.98 0.57 -5.88
N PRO A 43 -19.25 1.74 -6.51
CA PRO A 43 -18.29 2.79 -6.89
C PRO A 43 -17.91 3.80 -5.81
N ARG A 44 -18.79 3.99 -4.83
CA ARG A 44 -18.52 4.95 -3.77
C ARG A 44 -17.29 4.62 -2.96
N GLY A 45 -16.93 3.33 -2.97
CA GLY A 45 -15.78 2.89 -2.22
C GLY A 45 -14.45 2.96 -2.96
N ASP A 46 -14.47 3.11 -4.29
CA ASP A 46 -13.20 3.18 -5.02
C ASP A 46 -12.32 4.29 -4.46
N LEU A 47 -11.06 3.97 -4.22
CA LEU A 47 -10.12 4.92 -3.69
C LEU A 47 -9.03 5.29 -4.70
N CYS A 48 -9.02 4.63 -5.85
CA CYS A 48 -8.01 4.94 -6.85
C CYS A 48 -8.13 6.32 -7.46
N ASN A 49 -9.34 6.71 -7.87
CA ASN A 49 -9.55 8.03 -8.46
C ASN A 49 -9.51 9.05 -7.32
N PRO A 50 -8.61 10.04 -7.42
CA PRO A 50 -8.45 11.09 -6.41
C PRO A 50 -9.67 11.98 -6.25
N ASN A 51 -10.55 11.96 -7.25
CA ASN A 51 -11.75 12.78 -7.25
C ASN A 51 -12.94 12.16 -6.55
N GLY A 52 -12.81 10.92 -6.11
CA GLY A 52 -13.91 10.27 -5.40
C GLY A 52 -14.12 10.80 -4.00
N VAL A 53 -15.24 10.44 -3.38
CA VAL A 53 -15.57 10.88 -2.02
C VAL A 53 -14.67 10.25 -0.97
N GLY A 54 -14.30 8.99 -1.20
CA GLY A 54 -13.45 8.29 -0.26
C GLY A 54 -12.15 9.02 -0.10
N PRO A 55 -11.41 9.23 -1.19
CA PRO A 55 -10.13 9.94 -1.12
C PRO A 55 -10.27 11.30 -0.43
N TRP A 56 -11.32 12.04 -0.79
CA TRP A 56 -11.58 13.35 -0.20
C TRP A 56 -11.77 13.32 1.33
N ALA A 57 -12.53 12.34 1.81
CA ALA A 57 -12.82 12.18 3.25
C ALA A 57 -11.61 11.77 4.08
N LEU A 58 -10.84 10.82 3.57
CA LEU A 58 -9.64 10.39 4.28
C LEU A 58 -8.64 11.55 4.34
N ARG A 59 -8.62 12.35 3.29
CA ARG A 59 -7.73 13.50 3.19
C ARG A 59 -8.10 14.51 4.29
N CYS A 60 -9.40 14.82 4.40
CA CYS A 60 -9.87 15.76 5.41
C CYS A 60 -9.45 15.31 6.81
N LEU A 61 -9.64 14.02 7.09
CA LEU A 61 -9.29 13.48 8.39
C LEU A 61 -7.79 13.52 8.63
N ALA A 62 -7.02 13.01 7.67
CA ALA A 62 -5.57 12.98 7.76
C ALA A 62 -4.97 14.36 7.94
N GLN A 63 -5.40 15.31 7.13
CA GLN A 63 -4.87 16.66 7.22
C GLN A 63 -5.13 17.27 8.60
N THR A 64 -6.37 17.13 9.09
CA THR A 64 -6.72 17.69 10.39
C THR A 64 -5.78 17.17 11.48
N PHE A 65 -5.62 15.85 11.58
CA PHE A 65 -4.74 15.28 12.60
C PHE A 65 -3.29 15.64 12.36
N ALA A 66 -2.93 15.89 11.09
CA ALA A 66 -1.55 16.23 10.75
C ALA A 66 -1.10 17.60 11.26
N THR A 67 -2.05 18.41 11.71
CA THR A 67 -1.73 19.75 12.23
C THR A 67 -1.21 19.61 13.66
N GLY A 68 -1.37 18.42 14.22
CA GLY A 68 -0.92 18.15 15.57
C GLY A 68 -1.76 18.79 16.65
N GLU A 69 -2.79 19.55 16.25
CA GLU A 69 -3.63 20.24 17.21
C GLU A 69 -4.75 19.40 17.82
N VAL A 70 -5.13 18.32 17.16
CA VAL A 70 -6.16 17.45 17.69
C VAL A 70 -5.44 16.30 18.38
N SER A 71 -5.21 16.43 19.68
CA SER A 71 -4.50 15.39 20.43
C SER A 71 -4.97 15.23 21.86
N GLY A 72 -4.53 14.13 22.48
CA GLY A 72 -4.90 13.83 23.85
C GLY A 72 -4.68 12.37 24.15
N ARG A 73 -5.46 11.83 25.08
CA ARG A 73 -5.32 10.43 25.47
C ARG A 73 -6.53 9.58 25.11
N THR A 74 -7.73 10.14 25.28
CA THR A 74 -8.94 9.39 24.98
C THR A 74 -9.79 10.04 23.89
N LEU A 75 -10.44 9.19 23.11
CA LEU A 75 -11.29 9.64 22.02
C LEU A 75 -12.52 8.74 21.93
N ILE A 76 -13.64 9.33 21.52
CA ILE A 76 -14.89 8.58 21.39
C ILE A 76 -15.49 8.79 20.00
N ASP A 77 -15.84 7.68 19.36
CA ASP A 77 -16.46 7.70 18.04
C ASP A 77 -17.96 7.48 18.23
N ILE A 78 -18.75 8.50 17.89
CA ILE A 78 -20.20 8.47 18.04
C ILE A 78 -20.94 7.82 16.87
N GLY A 79 -21.70 6.76 17.16
CA GLY A 79 -22.46 6.08 16.13
C GLY A 79 -21.59 5.54 15.02
N SER A 80 -20.61 4.74 15.41
CA SER A 80 -19.63 4.15 14.50
C SER A 80 -20.25 3.27 13.43
N GLY A 81 -21.43 2.73 13.72
CA GLY A 81 -22.04 1.82 12.76
C GLY A 81 -21.10 0.64 12.58
N PRO A 82 -20.98 0.10 11.36
CA PRO A 82 -20.08 -1.04 11.12
C PRO A 82 -18.83 -0.59 10.36
N THR A 83 -18.41 0.65 10.56
CA THR A 83 -17.25 1.16 9.83
C THR A 83 -16.08 1.59 10.73
N VAL A 84 -14.88 1.60 10.16
CA VAL A 84 -13.67 1.95 10.92
C VAL A 84 -12.81 3.02 10.25
N TYR A 85 -13.07 3.28 8.98
CA TYR A 85 -12.30 4.25 8.21
C TYR A 85 -12.17 5.62 8.88
N GLN A 86 -13.17 5.99 9.67
CA GLN A 86 -13.16 7.30 10.33
C GLN A 86 -12.16 7.40 11.47
N LEU A 87 -11.45 6.31 11.74
CA LEU A 87 -10.48 6.30 12.82
C LEU A 87 -9.05 5.96 12.39
N LEU A 88 -8.86 5.66 11.12
CA LEU A 88 -7.55 5.30 10.58
C LEU A 88 -6.44 6.32 10.85
N SER A 89 -6.71 7.60 10.61
CA SER A 89 -5.71 8.64 10.84
C SER A 89 -5.71 9.05 12.31
N ALA A 90 -6.85 8.88 12.96
CA ALA A 90 -7.00 9.25 14.35
C ALA A 90 -6.27 8.36 15.34
N CYS A 91 -6.34 7.05 15.15
CA CYS A 91 -5.74 6.10 16.09
C CYS A 91 -4.31 6.33 16.53
N SER A 92 -3.50 7.04 15.75
CA SER A 92 -2.11 7.27 16.14
C SER A 92 -1.96 8.50 17.04
N HIS A 93 -3.08 9.14 17.39
CA HIS A 93 -3.05 10.33 18.23
C HIS A 93 -3.76 10.15 19.57
N PHE A 94 -4.37 8.98 19.78
CA PHE A 94 -5.07 8.70 21.03
C PHE A 94 -4.89 7.24 21.44
N GLU A 95 -4.37 7.01 22.64
CA GLU A 95 -4.13 5.64 23.12
C GLU A 95 -5.39 4.91 23.59
N ASP A 96 -6.41 5.67 23.99
CA ASP A 96 -7.65 5.06 24.46
C ASP A 96 -8.82 5.43 23.53
N ILE A 97 -9.23 4.49 22.70
CA ILE A 97 -10.32 4.78 21.77
C ILE A 97 -11.57 3.98 22.12
N THR A 98 -12.71 4.67 22.10
CA THR A 98 -14.00 4.07 22.40
C THR A 98 -14.93 4.19 21.19
N MET A 99 -15.39 3.05 20.69
CA MET A 99 -16.31 3.04 19.56
C MET A 99 -17.72 2.79 20.07
N THR A 100 -18.72 3.30 19.37
CA THR A 100 -20.11 3.13 19.82
C THR A 100 -21.12 2.94 18.70
N ASP A 101 -22.35 2.63 19.12
CA ASP A 101 -23.47 2.48 18.21
C ASP A 101 -24.72 1.94 18.88
N PHE A 102 -25.85 2.47 18.42
CA PHE A 102 -27.17 2.12 18.91
C PHE A 102 -27.50 0.65 18.71
N LEU A 103 -27.28 0.17 17.49
CA LEU A 103 -27.61 -1.21 17.13
C LEU A 103 -26.60 -2.29 17.50
N GLU A 104 -27.10 -3.32 18.18
CA GLU A 104 -26.28 -4.45 18.59
C GLU A 104 -25.58 -5.05 17.37
N VAL A 105 -26.32 -5.17 16.27
CA VAL A 105 -25.79 -5.74 15.05
C VAL A 105 -24.56 -5.03 14.49
N ASN A 106 -24.48 -3.71 14.67
CA ASN A 106 -23.32 -2.99 14.16
C ASN A 106 -22.14 -3.21 15.10
N ARG A 107 -22.40 -3.19 16.41
CA ARG A 107 -21.35 -3.41 17.39
C ARG A 107 -20.71 -4.78 17.16
N GLN A 108 -21.51 -5.74 16.72
CA GLN A 108 -21.02 -7.07 16.45
C GLN A 108 -20.21 -7.11 15.16
N GLU A 109 -20.58 -6.29 14.19
CA GLU A 109 -19.88 -6.25 12.91
C GLU A 109 -18.48 -5.67 13.16
N LEU A 110 -18.40 -4.74 14.10
CA LEU A 110 -17.13 -4.12 14.45
C LEU A 110 -16.23 -5.16 15.14
N GLY A 111 -16.82 -5.89 16.09
CA GLY A 111 -16.08 -6.91 16.80
C GLY A 111 -15.46 -7.87 15.83
N ARG A 112 -16.25 -8.29 14.83
CA ARG A 112 -15.73 -9.20 13.83
C ARG A 112 -14.47 -8.67 13.17
N TRP A 113 -14.39 -7.36 12.97
CA TRP A 113 -13.20 -6.78 12.35
C TRP A 113 -12.10 -6.54 13.38
N LEU A 114 -12.49 -6.02 14.55
CA LEU A 114 -11.53 -5.77 15.62
C LEU A 114 -10.88 -7.06 16.08
N GLN A 115 -11.65 -8.13 16.18
CA GLN A 115 -11.16 -9.43 16.60
C GLN A 115 -10.68 -10.28 15.42
N GLU A 116 -10.59 -9.67 14.24
CA GLU A 116 -10.14 -10.38 13.05
C GLU A 116 -10.91 -11.69 12.84
N GLU A 117 -12.16 -11.71 13.30
CA GLU A 117 -13.01 -12.88 13.18
C GLU A 117 -13.42 -13.13 11.73
N PRO A 118 -14.03 -14.28 11.46
CA PRO A 118 -14.48 -14.61 10.10
C PRO A 118 -15.62 -13.73 9.62
N GLY A 119 -15.64 -13.47 8.32
CA GLY A 119 -16.69 -12.65 7.74
C GLY A 119 -16.59 -11.17 8.02
N ALA A 120 -15.47 -10.71 8.54
CA ALA A 120 -15.32 -9.29 8.82
C ALA A 120 -15.20 -8.53 7.51
N PHE A 121 -15.65 -7.27 7.50
CA PHE A 121 -15.57 -6.45 6.30
C PHE A 121 -14.09 -6.14 6.07
N ASN A 122 -13.69 -6.08 4.80
CA ASN A 122 -12.30 -5.78 4.50
C ASN A 122 -12.04 -4.29 4.27
N TRP A 123 -11.32 -3.68 5.20
CA TRP A 123 -10.98 -2.28 5.12
C TRP A 123 -9.55 -2.00 4.67
N SER A 124 -8.81 -3.06 4.32
CA SER A 124 -7.43 -2.93 3.91
C SER A 124 -7.17 -1.85 2.88
N MET A 125 -8.05 -1.72 1.89
CA MET A 125 -7.88 -0.68 0.88
C MET A 125 -7.88 0.70 1.54
N TYR A 126 -8.76 0.88 2.52
CA TYR A 126 -8.86 2.14 3.24
C TYR A 126 -7.62 2.38 4.09
N SER A 127 -7.12 1.31 4.72
CA SER A 127 -5.91 1.41 5.54
C SER A 127 -4.74 1.84 4.67
N GLN A 128 -4.56 1.15 3.54
CA GLN A 128 -3.48 1.42 2.61
C GLN A 128 -3.56 2.86 2.11
N HIS A 129 -4.76 3.34 1.85
CA HIS A 129 -4.92 4.70 1.37
C HIS A 129 -4.63 5.70 2.49
N ALA A 130 -5.00 5.36 3.71
CA ALA A 130 -4.73 6.22 4.86
C ALA A 130 -3.22 6.37 5.01
N CYS A 131 -2.50 5.26 4.90
CA CYS A 131 -1.05 5.29 5.00
C CYS A 131 -0.49 6.12 3.84
N LEU A 132 -1.01 5.89 2.65
CA LEU A 132 -0.57 6.62 1.49
C LEU A 132 -0.74 8.13 1.70
N ILE A 133 -1.93 8.54 2.12
CA ILE A 133 -2.23 9.97 2.35
C ILE A 133 -1.43 10.57 3.49
N GLU A 134 -1.22 9.80 4.55
CA GLU A 134 -0.48 10.28 5.70
C GLU A 134 1.00 10.49 5.41
N GLY A 135 1.52 9.75 4.44
CA GLY A 135 2.92 9.88 4.04
C GLY A 135 3.99 9.72 5.10
N LYS A 136 3.82 8.77 6.01
CA LYS A 136 4.79 8.52 7.06
C LYS A 136 5.45 7.18 6.79
N GLY A 137 5.25 6.68 5.57
CA GLY A 137 5.83 5.42 5.17
C GLY A 137 5.38 4.21 5.96
N GLU A 138 4.25 4.33 6.65
CA GLU A 138 3.73 3.24 7.46
C GLU A 138 3.04 2.19 6.59
N CYS A 139 3.18 0.93 6.96
CA CYS A 139 2.55 -0.15 6.19
C CYS A 139 1.11 -0.29 6.72
N TRP A 140 0.18 -0.67 5.86
CA TRP A 140 -1.20 -0.76 6.28
C TRP A 140 -1.51 -1.75 7.40
N GLN A 141 -0.73 -2.82 7.50
CA GLN A 141 -0.93 -3.81 8.56
C GLN A 141 -0.62 -3.18 9.92
N ASP A 142 0.41 -2.34 9.96
CA ASP A 142 0.79 -1.66 11.19
C ASP A 142 -0.29 -0.66 11.61
N LYS A 143 -0.96 -0.09 10.62
CA LYS A 143 -2.04 0.86 10.85
C LYS A 143 -3.22 0.14 11.50
N GLU A 144 -3.69 -0.94 10.87
CA GLU A 144 -4.82 -1.70 11.42
C GLU A 144 -4.46 -2.30 12.76
N ARG A 145 -3.19 -2.65 12.93
CA ARG A 145 -2.70 -3.24 14.16
C ARG A 145 -2.87 -2.24 15.31
N GLN A 146 -2.48 -1.00 15.04
CA GLN A 146 -2.57 0.08 16.03
C GLN A 146 -4.01 0.47 16.35
N LEU A 147 -4.87 0.53 15.32
CA LEU A 147 -6.26 0.89 15.56
C LEU A 147 -6.90 -0.18 16.44
N ARG A 148 -6.70 -1.44 16.07
CA ARG A 148 -7.26 -2.55 16.83
C ARG A 148 -6.80 -2.53 18.28
N ALA A 149 -5.55 -2.13 18.49
CA ALA A 149 -4.97 -2.07 19.82
C ALA A 149 -5.56 -0.96 20.68
N ARG A 150 -5.72 0.22 20.08
CA ARG A 150 -6.24 1.36 20.82
C ARG A 150 -7.74 1.41 21.04
N VAL A 151 -8.50 0.59 20.33
CA VAL A 151 -9.94 0.53 20.53
C VAL A 151 -10.17 -0.39 21.74
N LYS A 152 -10.35 0.24 22.89
CA LYS A 152 -10.55 -0.48 24.16
C LYS A 152 -11.95 -1.02 24.35
N ARG A 153 -12.94 -0.42 23.70
CA ARG A 153 -14.31 -0.88 23.89
C ARG A 153 -15.29 -0.43 22.81
N VAL A 154 -16.36 -1.21 22.63
CA VAL A 154 -17.41 -0.92 21.66
C VAL A 154 -18.71 -0.82 22.47
N LEU A 155 -19.09 0.39 22.83
CA LEU A 155 -20.28 0.65 23.65
C LEU A 155 -21.59 1.02 22.98
N PRO A 156 -22.71 0.62 23.61
CA PRO A 156 -24.02 0.94 23.05
C PRO A 156 -24.20 2.43 23.35
N ILE A 157 -24.99 3.12 22.52
CA ILE A 157 -25.16 4.55 22.74
C ILE A 157 -26.44 5.05 22.10
N ASP A 158 -26.93 6.17 22.61
CA ASP A 158 -28.15 6.81 22.09
C ASP A 158 -27.99 8.31 22.20
N VAL A 159 -27.74 8.96 21.08
CA VAL A 159 -27.55 10.40 21.04
C VAL A 159 -28.81 11.17 21.43
N HIS A 160 -29.93 10.46 21.54
CA HIS A 160 -31.19 11.09 21.92
C HIS A 160 -31.29 11.26 23.44
N GLN A 161 -30.35 10.66 24.17
CA GLN A 161 -30.32 10.75 25.62
C GLN A 161 -29.37 11.85 26.07
N PRO A 162 -29.81 12.70 27.02
CA PRO A 162 -29.00 13.80 27.55
C PRO A 162 -27.62 13.30 27.99
N GLN A 163 -27.56 12.01 28.31
CA GLN A 163 -26.32 11.33 28.69
C GLN A 163 -26.26 10.17 27.70
N PRO A 164 -25.76 10.44 26.49
CA PRO A 164 -25.62 9.47 25.39
C PRO A 164 -25.19 8.07 25.80
N LEU A 165 -24.11 8.00 26.58
CA LEU A 165 -23.58 6.72 27.04
C LEU A 165 -24.33 6.17 28.25
N GLY A 166 -24.68 7.06 29.18
CA GLY A 166 -25.40 6.63 30.35
C GLY A 166 -24.76 7.06 31.66
N ALA A 167 -24.98 6.26 32.70
CA ALA A 167 -24.43 6.55 34.03
C ALA A 167 -23.03 5.98 34.21
N GLY A 168 -22.95 4.67 34.41
CA GLY A 168 -21.66 4.03 34.60
C GLY A 168 -20.99 3.67 33.29
N SER A 169 -20.53 4.67 32.56
CA SER A 169 -19.87 4.45 31.28
C SER A 169 -18.43 4.00 31.45
N PRO A 170 -18.09 2.82 30.93
CA PRO A 170 -16.73 2.27 31.02
C PRO A 170 -15.75 3.15 30.27
N ALA A 171 -16.28 4.12 29.54
CA ALA A 171 -15.48 5.05 28.75
C ALA A 171 -15.02 6.26 29.55
N PRO A 172 -13.72 6.62 29.42
CA PRO A 172 -13.14 7.77 30.13
C PRO A 172 -13.85 9.05 29.72
N LEU A 173 -14.30 9.82 30.70
CA LEU A 173 -14.99 11.08 30.44
C LEU A 173 -14.46 12.18 31.35
N PRO A 174 -14.40 13.43 30.84
CA PRO A 174 -14.81 13.76 29.47
C PRO A 174 -13.70 13.38 28.50
N ALA A 175 -14.08 12.96 27.31
CA ALA A 175 -13.11 12.57 26.29
C ALA A 175 -12.29 13.77 25.83
N ASP A 176 -11.08 13.51 25.33
CA ASP A 176 -10.22 14.57 24.84
C ASP A 176 -10.68 15.00 23.44
N ALA A 177 -11.39 14.10 22.76
CA ALA A 177 -11.89 14.38 21.42
C ALA A 177 -13.01 13.43 20.99
N LEU A 178 -13.82 13.90 20.04
CA LEU A 178 -14.93 13.12 19.51
C LEU A 178 -14.90 13.05 17.99
N VAL A 179 -15.42 11.94 17.47
CA VAL A 179 -15.51 11.76 16.03
C VAL A 179 -16.90 11.20 15.75
N SER A 180 -17.59 11.74 14.76
CA SER A 180 -18.91 11.22 14.42
C SER A 180 -19.13 11.39 12.94
N ALA A 181 -19.49 10.30 12.27
CA ALA A 181 -19.71 10.33 10.83
C ALA A 181 -21.07 9.80 10.42
N PHE A 182 -21.85 10.63 9.74
CA PHE A 182 -23.16 10.26 9.25
C PHE A 182 -24.18 9.81 10.30
N CYS A 183 -23.99 10.20 11.55
CA CYS A 183 -24.92 9.77 12.58
C CYS A 183 -26.08 10.74 12.88
N LEU A 184 -25.75 11.86 13.53
CA LEU A 184 -26.76 12.84 13.93
C LEU A 184 -27.90 13.08 12.94
N GLU A 185 -27.61 13.54 11.73
CA GLU A 185 -28.65 13.82 10.77
C GLU A 185 -29.47 12.58 10.39
N ALA A 186 -28.88 11.41 10.54
CA ALA A 186 -29.56 10.16 10.20
C ALA A 186 -30.47 9.65 11.31
N VAL A 187 -30.44 10.31 12.47
CA VAL A 187 -31.26 9.89 13.59
C VAL A 187 -32.15 11.05 14.07
N SER A 188 -32.15 12.12 13.31
CA SER A 188 -32.95 13.30 13.64
C SER A 188 -33.99 13.54 12.55
N PRO A 189 -35.24 13.79 12.94
CA PRO A 189 -36.33 14.05 11.99
C PRO A 189 -36.33 15.49 11.49
N ASP A 190 -35.83 16.38 12.33
CA ASP A 190 -35.79 17.79 12.00
C ASP A 190 -34.52 18.45 12.50
N LEU A 191 -34.36 19.72 12.13
CA LEU A 191 -33.21 20.51 12.52
C LEU A 191 -33.08 20.61 14.05
N ALA A 192 -34.20 20.83 14.72
CA ALA A 192 -34.20 20.96 16.18
C ALA A 192 -33.67 19.72 16.86
N SER A 193 -34.07 18.54 16.37
CA SER A 193 -33.61 17.28 16.95
C SER A 193 -32.10 17.16 16.74
N PHE A 194 -31.65 17.53 15.55
CA PHE A 194 -30.24 17.49 15.18
C PHE A 194 -29.45 18.27 16.24
N GLN A 195 -29.92 19.48 16.52
CA GLN A 195 -29.27 20.36 17.49
C GLN A 195 -29.20 19.73 18.88
N ARG A 196 -30.29 19.10 19.31
CA ARG A 196 -30.32 18.47 20.62
C ARG A 196 -29.30 17.35 20.69
N ALA A 197 -29.32 16.47 19.69
CA ALA A 197 -28.39 15.35 19.63
C ALA A 197 -26.96 15.87 19.69
N LEU A 198 -26.69 17.00 19.02
CA LEU A 198 -25.36 17.59 19.02
C LEU A 198 -25.04 18.13 20.41
N ASP A 199 -26.04 18.73 21.06
CA ASP A 199 -25.83 19.26 22.41
C ASP A 199 -25.55 18.07 23.32
N HIS A 200 -26.33 17.01 23.12
CA HIS A 200 -26.20 15.80 23.91
C HIS A 200 -24.79 15.19 23.87
N ILE A 201 -24.28 14.92 22.66
CA ILE A 201 -22.94 14.33 22.56
C ILE A 201 -21.86 15.32 22.94
N THR A 202 -22.14 16.61 22.78
CA THR A 202 -21.15 17.64 23.11
C THR A 202 -20.73 17.58 24.58
N THR A 203 -21.63 17.09 25.43
CA THR A 203 -21.36 16.99 26.87
C THR A 203 -20.26 16.00 27.19
N LEU A 204 -20.00 15.07 26.27
CA LEU A 204 -18.98 14.05 26.45
C LEU A 204 -17.58 14.58 26.18
N LEU A 205 -17.50 15.79 25.61
CA LEU A 205 -16.22 16.38 25.26
C LEU A 205 -15.66 17.39 26.25
N ARG A 206 -14.38 17.22 26.56
CA ARG A 206 -13.64 18.08 27.48
C ARG A 206 -13.54 19.49 26.90
N PRO A 207 -13.80 20.53 27.72
CA PRO A 207 -13.72 21.89 27.20
C PRO A 207 -12.36 22.10 26.51
N GLY A 208 -12.39 22.71 25.33
CA GLY A 208 -11.17 22.92 24.58
C GLY A 208 -10.86 21.74 23.67
N GLY A 209 -11.58 20.64 23.90
CA GLY A 209 -11.39 19.44 23.10
C GLY A 209 -11.83 19.63 21.65
N HIS A 210 -11.62 18.61 20.82
CA HIS A 210 -11.97 18.71 19.41
C HIS A 210 -13.03 17.72 18.91
N LEU A 211 -13.81 18.19 17.95
CA LEU A 211 -14.86 17.39 17.34
C LEU A 211 -14.64 17.35 15.84
N LEU A 212 -14.70 16.15 15.30
CA LEU A 212 -14.55 15.95 13.87
C LEU A 212 -15.87 15.31 13.46
N LEU A 213 -16.68 16.09 12.75
CA LEU A 213 -17.99 15.66 12.33
C LEU A 213 -18.14 15.56 10.81
N ILE A 214 -18.58 14.40 10.35
CA ILE A 214 -18.80 14.15 8.95
C ILE A 214 -20.26 13.79 8.79
N GLY A 215 -20.88 14.23 7.71
CA GLY A 215 -22.29 13.92 7.51
C GLY A 215 -22.83 14.16 6.12
N ALA A 216 -24.07 13.77 5.93
CA ALA A 216 -24.76 13.92 4.66
C ALA A 216 -25.42 15.30 4.51
N LEU A 217 -25.16 15.95 3.38
CA LEU A 217 -25.76 17.26 3.11
C LEU A 217 -27.02 17.13 2.26
N GLU A 218 -28.11 17.73 2.73
CA GLU A 218 -29.39 17.73 2.04
C GLU A 218 -29.94 16.36 1.68
N GLU A 219 -29.80 15.40 2.59
CA GLU A 219 -30.31 14.06 2.33
C GLU A 219 -31.61 13.88 3.11
N SER A 220 -32.55 13.12 2.55
CA SER A 220 -33.82 12.91 3.24
C SER A 220 -34.08 11.44 3.53
N TRP A 221 -33.34 10.56 2.87
CA TRP A 221 -33.48 9.11 3.10
C TRP A 221 -32.29 8.34 2.57
N TYR A 222 -32.13 7.11 3.07
CA TYR A 222 -31.07 6.22 2.63
C TYR A 222 -31.50 4.82 3.00
N LEU A 223 -31.10 3.85 2.20
CA LEU A 223 -31.47 2.45 2.43
C LEU A 223 -30.37 1.63 3.07
N ALA A 224 -30.77 0.68 3.91
CA ALA A 224 -29.84 -0.22 4.57
C ALA A 224 -30.49 -1.60 4.55
N GLY A 225 -30.63 -2.15 3.35
CA GLY A 225 -31.25 -3.45 3.20
C GLY A 225 -32.76 -3.32 3.21
N GLU A 226 -33.40 -3.98 4.16
CA GLU A 226 -34.86 -3.92 4.27
C GLU A 226 -35.24 -2.63 5.00
N ALA A 227 -34.25 -1.95 5.56
CA ALA A 227 -34.50 -0.71 6.27
C ALA A 227 -34.46 0.50 5.36
N ARG A 228 -35.42 1.40 5.57
CA ARG A 228 -35.55 2.63 4.80
C ARG A 228 -35.57 3.73 5.86
N LEU A 229 -34.46 4.43 6.02
CA LEU A 229 -34.37 5.48 7.05
C LEU A 229 -34.64 6.89 6.55
N THR A 230 -35.33 7.65 7.38
CA THR A 230 -35.66 9.04 7.11
C THR A 230 -34.54 9.91 7.66
N VAL A 231 -34.13 10.91 6.89
CA VAL A 231 -33.04 11.78 7.32
C VAL A 231 -33.44 13.25 7.24
N VAL A 232 -32.83 14.08 8.07
CA VAL A 232 -33.09 15.50 8.07
C VAL A 232 -32.11 16.13 7.08
N PRO A 233 -32.62 16.82 6.05
CA PRO A 233 -31.79 17.46 5.04
C PRO A 233 -31.18 18.72 5.63
N VAL A 234 -29.86 18.75 5.74
CA VAL A 234 -29.21 19.91 6.31
C VAL A 234 -28.21 20.50 5.33
N SER A 235 -27.89 21.77 5.54
CA SER A 235 -26.94 22.46 4.68
C SER A 235 -25.69 22.79 5.47
N GLU A 236 -24.65 23.21 4.76
CA GLU A 236 -23.40 23.57 5.39
C GLU A 236 -23.57 24.70 6.42
N GLU A 237 -24.39 25.69 6.09
CA GLU A 237 -24.62 26.81 6.99
C GLU A 237 -25.41 26.37 8.22
N GLU A 238 -26.34 25.45 8.01
CA GLU A 238 -27.14 24.94 9.11
C GLU A 238 -26.25 24.14 10.06
N VAL A 239 -25.31 23.40 9.49
CA VAL A 239 -24.38 22.63 10.29
C VAL A 239 -23.45 23.59 11.03
N ARG A 240 -22.95 24.59 10.30
CA ARG A 240 -22.06 25.58 10.89
C ARG A 240 -22.74 26.25 12.09
N GLU A 241 -23.92 26.80 11.84
CA GLU A 241 -24.68 27.48 12.87
C GLU A 241 -25.00 26.58 14.05
N ALA A 242 -25.28 25.31 13.76
CA ALA A 242 -25.59 24.38 14.84
C ALA A 242 -24.36 24.14 15.71
N LEU A 243 -23.18 24.03 15.09
CA LEU A 243 -21.95 23.81 15.85
C LEU A 243 -21.72 25.00 16.78
N VAL A 244 -21.93 26.19 16.24
CA VAL A 244 -21.75 27.41 17.02
C VAL A 244 -22.72 27.42 18.20
N ARG A 245 -23.97 27.04 17.94
CA ARG A 245 -24.98 27.00 18.99
C ARG A 245 -24.62 26.03 20.10
N SER A 246 -24.03 24.90 19.74
CA SER A 246 -23.65 23.93 20.74
C SER A 246 -22.42 24.38 21.51
N GLY A 247 -21.89 25.55 21.16
CA GLY A 247 -20.73 26.08 21.84
C GLY A 247 -19.36 25.71 21.27
N TYR A 248 -19.26 25.60 19.94
CA TYR A 248 -17.99 25.26 19.30
C TYR A 248 -17.44 26.41 18.47
N LYS A 249 -16.14 26.33 18.18
CA LYS A 249 -15.50 27.32 17.32
C LYS A 249 -15.00 26.67 16.02
N VAL A 250 -15.79 26.82 14.96
CA VAL A 250 -15.58 26.03 13.75
C VAL A 250 -14.18 26.27 13.21
N ARG A 251 -13.29 25.31 13.43
CA ARG A 251 -11.92 25.43 12.96
C ARG A 251 -11.84 25.17 11.45
N ASP A 252 -12.77 24.37 10.93
CA ASP A 252 -12.80 24.05 9.51
C ASP A 252 -14.07 23.30 9.10
N LEU A 253 -14.66 23.73 8.00
CA LEU A 253 -15.89 23.12 7.49
C LEU A 253 -15.79 23.06 5.97
N ARG A 254 -15.76 21.86 5.42
CA ARG A 254 -15.65 21.65 3.97
C ARG A 254 -16.82 20.87 3.38
N THR A 255 -17.03 21.02 2.08
CA THR A 255 -18.12 20.34 1.39
C THR A 255 -17.65 19.60 0.14
N TYR A 256 -18.09 18.35 0.04
CA TYR A 256 -17.79 17.55 -1.13
C TYR A 256 -19.12 17.36 -1.83
N ILE A 257 -19.23 17.87 -3.06
CA ILE A 257 -20.47 17.71 -3.81
C ILE A 257 -20.44 16.36 -4.52
N MET A 258 -21.48 15.57 -4.29
CA MET A 258 -21.59 14.24 -4.86
C MET A 258 -21.78 14.22 -6.37
N PRO A 259 -20.80 13.66 -7.11
CA PRO A 259 -20.93 13.61 -8.56
C PRO A 259 -22.02 12.65 -9.02
N ALA A 260 -22.56 12.92 -10.20
CA ALA A 260 -23.63 12.12 -10.79
C ALA A 260 -23.43 10.61 -10.69
N HIS A 261 -22.25 10.12 -11.01
CA HIS A 261 -22.04 8.69 -10.98
C HIS A 261 -21.99 8.06 -9.58
N LEU A 262 -22.00 8.88 -8.53
CA LEU A 262 -22.02 8.30 -7.18
C LEU A 262 -23.47 8.32 -6.68
N GLN A 263 -24.37 8.71 -7.57
CA GLN A 263 -25.80 8.75 -7.27
C GLN A 263 -26.26 7.39 -7.74
N THR A 264 -26.28 6.46 -6.80
CA THR A 264 -26.58 5.06 -7.09
C THR A 264 -27.97 4.50 -6.79
N GLY A 265 -28.82 5.28 -6.12
CA GLY A 265 -30.14 4.77 -5.82
C GLY A 265 -30.27 4.30 -4.39
N VAL A 266 -29.20 4.40 -3.61
CA VAL A 266 -29.23 3.97 -2.21
C VAL A 266 -29.66 5.10 -1.27
N ASP A 267 -29.76 6.30 -1.80
CA ASP A 267 -30.19 7.48 -1.04
C ASP A 267 -30.34 8.68 -1.95
N ASP A 268 -30.59 9.85 -1.38
CA ASP A 268 -30.72 11.07 -2.19
C ASP A 268 -29.78 12.16 -1.68
N VAL A 269 -28.63 11.74 -1.15
CA VAL A 269 -27.64 12.67 -0.61
C VAL A 269 -27.13 13.57 -1.73
N LYS A 270 -26.95 14.85 -1.41
CA LYS A 270 -26.48 15.80 -2.41
C LYS A 270 -24.99 16.04 -2.31
N GLY A 271 -24.47 15.95 -1.09
CA GLY A 271 -23.05 16.16 -0.86
C GLY A 271 -22.67 15.64 0.51
N VAL A 272 -21.39 15.78 0.86
CA VAL A 272 -20.91 15.35 2.15
C VAL A 272 -20.12 16.50 2.78
N PHE A 273 -20.25 16.66 4.10
CA PHE A 273 -19.52 17.73 4.78
C PHE A 273 -18.56 17.19 5.82
N PHE A 274 -17.52 17.97 6.08
CA PHE A 274 -16.52 17.65 7.07
C PHE A 274 -16.34 18.87 7.96
N ALA A 275 -16.47 18.67 9.28
CA ALA A 275 -16.31 19.76 10.20
C ALA A 275 -15.31 19.47 11.31
N TRP A 276 -14.40 20.41 11.51
CA TRP A 276 -13.42 20.33 12.58
C TRP A 276 -13.83 21.45 13.51
N ALA A 277 -14.38 21.07 14.67
CA ALA A 277 -14.82 22.06 15.64
C ALA A 277 -14.16 21.86 16.98
N GLN A 278 -13.99 22.96 17.71
CA GLN A 278 -13.38 22.94 19.02
C GLN A 278 -14.34 23.47 20.07
N LYS A 279 -14.40 22.78 21.20
CA LYS A 279 -15.29 23.15 22.30
C LYS A 279 -14.76 24.30 23.14
N VAL A 280 -15.65 24.86 23.96
CA VAL A 280 -15.38 25.97 24.87
C VAL A 280 -15.48 27.28 24.11
N PRO B 14 41.01 -19.69 -20.96
CA PRO B 14 40.55 -20.99 -20.46
C PRO B 14 39.28 -21.48 -21.16
N ASP B 15 38.65 -22.50 -20.56
CA ASP B 15 37.43 -23.08 -21.09
C ASP B 15 36.24 -22.61 -20.25
N SER B 16 35.23 -22.04 -20.90
CA SER B 16 34.05 -21.54 -20.19
C SER B 16 32.88 -22.52 -20.17
N ALA B 17 32.75 -23.31 -21.24
CA ALA B 17 31.67 -24.28 -21.38
C ALA B 17 31.44 -25.20 -20.18
N PRO B 18 32.52 -25.82 -19.64
CA PRO B 18 32.36 -26.71 -18.50
C PRO B 18 31.52 -26.12 -17.38
N GLY B 19 32.02 -25.03 -16.78
CA GLY B 19 31.29 -24.38 -15.70
C GLY B 19 29.89 -23.98 -16.13
N GLN B 20 29.79 -23.53 -17.37
CA GLN B 20 28.50 -23.12 -17.93
C GLN B 20 27.50 -24.26 -17.97
N ALA B 21 27.97 -25.44 -18.38
CA ALA B 21 27.10 -26.60 -18.46
C ALA B 21 26.66 -27.01 -17.06
N ALA B 22 27.52 -26.73 -16.08
CA ALA B 22 27.22 -27.07 -14.69
C ALA B 22 26.08 -26.18 -14.22
N VAL B 23 26.16 -24.90 -14.60
CA VAL B 23 25.14 -23.92 -14.25
C VAL B 23 23.80 -24.34 -14.87
N ALA B 24 23.79 -24.52 -16.19
CA ALA B 24 22.58 -24.93 -16.90
C ALA B 24 21.94 -26.16 -16.23
N SER B 25 22.74 -27.19 -16.00
CA SER B 25 22.28 -28.42 -15.36
C SER B 25 21.59 -28.10 -14.02
N ALA B 26 22.34 -27.50 -13.11
CA ALA B 26 21.82 -27.14 -11.80
C ALA B 26 20.48 -26.41 -11.86
N TYR B 27 20.33 -25.50 -12.84
CA TYR B 27 19.10 -24.74 -12.98
C TYR B 27 17.89 -25.53 -13.47
N GLN B 28 18.07 -26.78 -13.83
CA GLN B 28 16.94 -27.58 -14.28
C GLN B 28 16.07 -28.00 -13.08
N ARG B 29 16.64 -27.95 -11.87
CA ARG B 29 15.90 -28.32 -10.67
C ARG B 29 15.38 -27.07 -9.93
N PHE B 30 15.53 -25.90 -10.55
CA PHE B 30 15.09 -24.64 -9.95
C PHE B 30 13.55 -24.63 -9.84
N GLU B 31 13.05 -24.46 -8.61
CA GLU B 31 11.60 -24.43 -8.37
C GLU B 31 11.11 -23.01 -8.01
N PRO B 32 10.50 -22.30 -8.98
CA PRO B 32 9.99 -20.94 -8.79
C PRO B 32 9.25 -20.70 -7.47
N ARG B 33 8.31 -21.58 -7.16
CA ARG B 33 7.51 -21.47 -5.95
C ARG B 33 8.30 -21.49 -4.67
N ALA B 34 9.32 -22.36 -4.63
CA ALA B 34 10.18 -22.49 -3.46
C ALA B 34 11.06 -21.26 -3.37
N TYR B 35 11.55 -20.82 -4.53
CA TYR B 35 12.39 -19.63 -4.63
C TYR B 35 11.62 -18.41 -4.12
N LEU B 36 10.41 -18.21 -4.66
CA LEU B 36 9.57 -17.09 -4.24
C LEU B 36 9.28 -17.08 -2.75
N ARG B 37 8.99 -18.26 -2.20
CA ARG B 37 8.71 -18.39 -0.79
C ARG B 37 9.95 -18.11 0.04
N ASN B 38 11.07 -18.68 -0.36
CA ASN B 38 12.32 -18.51 0.34
C ASN B 38 12.79 -17.06 0.42
N ASN B 39 12.59 -16.32 -0.66
CA ASN B 39 13.05 -14.94 -0.71
C ASN B 39 12.05 -13.80 -0.67
N TYR B 40 10.82 -14.04 -1.13
CA TYR B 40 9.85 -12.96 -1.16
C TYR B 40 8.65 -13.04 -0.24
N ALA B 41 8.60 -14.10 0.57
CA ALA B 41 7.53 -14.25 1.54
C ALA B 41 8.18 -13.85 2.86
N PRO B 42 7.40 -13.55 3.89
CA PRO B 42 8.02 -13.17 5.16
C PRO B 42 8.96 -14.27 5.64
N PRO B 43 9.98 -13.91 6.44
CA PRO B 43 10.35 -12.58 6.96
C PRO B 43 11.09 -11.69 5.96
N ARG B 44 11.76 -12.29 4.99
CA ARG B 44 12.49 -11.52 4.00
C ARG B 44 11.57 -10.60 3.19
N GLY B 45 10.34 -11.05 2.96
CA GLY B 45 9.39 -10.27 2.19
C GLY B 45 8.58 -9.28 3.02
N ASP B 46 8.86 -9.19 4.31
CA ASP B 46 8.12 -8.26 5.16
C ASP B 46 8.52 -6.84 4.80
N LEU B 47 7.55 -6.06 4.31
CA LEU B 47 7.82 -4.68 3.93
C LEU B 47 7.44 -3.69 5.02
N CYS B 48 6.96 -4.18 6.15
CA CYS B 48 6.57 -3.32 7.26
C CYS B 48 7.73 -2.79 8.08
N ASN B 49 8.77 -3.61 8.26
CA ASN B 49 9.93 -3.17 9.04
C ASN B 49 10.84 -2.31 8.15
N PRO B 50 11.02 -1.04 8.51
CA PRO B 50 11.87 -0.14 7.73
C PRO B 50 13.30 -0.65 7.61
N ASN B 51 13.73 -1.41 8.61
CA ASN B 51 15.08 -1.95 8.63
C ASN B 51 15.25 -3.25 7.86
N GLY B 52 14.18 -3.75 7.27
CA GLY B 52 14.27 -4.99 6.51
C GLY B 52 14.89 -4.76 5.15
N VAL B 53 15.14 -5.85 4.43
CA VAL B 53 15.77 -5.76 3.12
C VAL B 53 14.82 -5.34 1.99
N GLY B 54 13.55 -5.73 2.09
CA GLY B 54 12.58 -5.36 1.07
C GLY B 54 12.47 -3.85 0.97
N PRO B 55 12.20 -3.17 2.08
CA PRO B 55 12.09 -1.71 2.07
C PRO B 55 13.36 -1.08 1.52
N TRP B 56 14.51 -1.60 1.93
CA TRP B 56 15.78 -1.07 1.47
C TRP B 56 15.90 -1.09 -0.05
N ALA B 57 15.66 -2.26 -0.64
CA ALA B 57 15.75 -2.42 -2.10
C ALA B 57 14.76 -1.55 -2.86
N LEU B 58 13.51 -1.55 -2.43
CA LEU B 58 12.50 -0.75 -3.13
C LEU B 58 12.81 0.73 -3.02
N ARG B 59 13.40 1.12 -1.89
CA ARG B 59 13.77 2.50 -1.66
C ARG B 59 14.92 2.88 -2.61
N CYS B 60 15.86 1.96 -2.81
CA CYS B 60 16.98 2.21 -3.70
C CYS B 60 16.48 2.42 -5.11
N LEU B 61 15.59 1.55 -5.56
CA LEU B 61 15.04 1.66 -6.90
C LEU B 61 14.23 2.95 -7.03
N ALA B 62 13.37 3.21 -6.04
CA ALA B 62 12.52 4.40 -6.06
C ALA B 62 13.34 5.69 -6.12
N GLN B 63 14.28 5.85 -5.18
CA GLN B 63 15.10 7.05 -5.15
C GLN B 63 15.85 7.27 -6.46
N THR B 64 16.32 6.19 -7.06
CA THR B 64 17.07 6.30 -8.30
C THR B 64 16.21 6.83 -9.44
N PHE B 65 14.98 6.33 -9.57
CA PHE B 65 14.13 6.80 -10.66
C PHE B 65 13.58 8.19 -10.34
N ALA B 66 13.54 8.53 -9.06
CA ALA B 66 13.03 9.82 -8.64
C ALA B 66 13.94 10.98 -9.08
N THR B 67 15.20 10.68 -9.41
CA THR B 67 16.13 11.72 -9.85
C THR B 67 15.79 12.14 -11.28
N GLY B 68 14.90 11.38 -11.92
CA GLY B 68 14.51 11.69 -13.29
C GLY B 68 15.60 11.39 -14.31
N GLU B 69 16.81 11.09 -13.84
CA GLU B 69 17.92 10.81 -14.73
C GLU B 69 17.89 9.47 -15.47
N VAL B 70 16.99 8.59 -15.10
CA VAL B 70 16.91 7.30 -15.76
C VAL B 70 15.57 7.21 -16.48
N SER B 71 15.58 7.54 -17.77
CA SER B 71 14.36 7.53 -18.57
C SER B 71 14.62 7.10 -20.00
N GLY B 72 13.56 7.04 -20.79
CA GLY B 72 13.68 6.65 -22.18
C GLY B 72 12.45 5.90 -22.65
N ARG B 73 12.59 5.16 -23.75
CA ARG B 73 11.49 4.40 -24.33
C ARG B 73 11.54 2.91 -23.99
N THR B 74 12.73 2.32 -24.08
CA THR B 74 12.84 0.88 -23.83
C THR B 74 13.74 0.50 -22.65
N LEU B 75 13.33 -0.55 -21.94
CA LEU B 75 14.08 -1.05 -20.83
C LEU B 75 14.10 -2.57 -20.89
N ILE B 76 15.22 -3.18 -20.48
CA ILE B 76 15.31 -4.62 -20.47
C ILE B 76 15.70 -5.11 -19.08
N ASP B 77 14.92 -6.04 -18.54
CA ASP B 77 15.21 -6.64 -17.24
C ASP B 77 15.95 -7.94 -17.52
N ILE B 78 17.20 -8.03 -17.03
CA ILE B 78 18.06 -9.19 -17.25
C ILE B 78 17.90 -10.25 -16.16
N GLY B 79 17.45 -11.45 -16.55
CA GLY B 79 17.27 -12.54 -15.59
C GLY B 79 16.17 -12.27 -14.58
N SER B 80 15.00 -11.88 -15.06
CA SER B 80 13.84 -11.56 -14.23
C SER B 80 13.43 -12.65 -13.24
N GLY B 81 13.62 -13.90 -13.63
CA GLY B 81 13.20 -14.99 -12.77
C GLY B 81 11.68 -14.95 -12.67
N PRO B 82 11.11 -15.26 -11.50
CA PRO B 82 9.65 -15.24 -11.38
C PRO B 82 9.18 -14.01 -10.60
N THR B 83 10.00 -12.95 -10.61
CA THR B 83 9.65 -11.76 -9.85
C THR B 83 9.40 -10.51 -10.70
N VAL B 84 8.70 -9.54 -10.11
CA VAL B 84 8.39 -8.28 -10.80
C VAL B 84 8.70 -7.03 -9.96
N TYR B 85 8.99 -7.19 -8.68
CA TYR B 85 9.27 -6.04 -7.79
C TYR B 85 10.38 -5.13 -8.35
N GLN B 86 11.35 -5.70 -9.04
CA GLN B 86 12.46 -4.92 -9.57
C GLN B 86 12.01 -3.94 -10.64
N LEU B 87 10.76 -4.06 -11.06
CA LEU B 87 10.19 -3.20 -12.10
C LEU B 87 9.08 -2.28 -11.63
N LEU B 88 8.77 -2.29 -10.34
CA LEU B 88 7.67 -1.48 -9.84
C LEU B 88 7.85 0.04 -9.96
N SER B 89 9.03 0.54 -9.62
CA SER B 89 9.26 1.97 -9.72
C SER B 89 9.67 2.36 -11.13
N ALA B 90 10.20 1.38 -11.86
CA ALA B 90 10.66 1.63 -13.21
C ALA B 90 9.58 1.78 -14.27
N CYS B 91 8.50 1.00 -14.14
CA CYS B 91 7.45 1.00 -15.15
C CYS B 91 6.88 2.37 -15.53
N SER B 92 6.87 3.30 -14.60
CA SER B 92 6.35 4.63 -14.89
C SER B 92 7.34 5.48 -15.67
N HIS B 93 8.46 4.90 -16.08
CA HIS B 93 9.47 5.66 -16.81
C HIS B 93 9.81 5.08 -18.18
N PHE B 94 9.34 3.86 -18.45
CA PHE B 94 9.63 3.21 -19.73
C PHE B 94 8.37 2.61 -20.31
N GLU B 95 8.01 3.01 -21.52
CA GLU B 95 6.80 2.52 -22.19
C GLU B 95 6.95 1.09 -22.67
N ASP B 96 8.19 0.68 -22.96
CA ASP B 96 8.43 -0.67 -23.43
C ASP B 96 9.42 -1.39 -22.54
N ILE B 97 8.92 -2.40 -21.83
CA ILE B 97 9.73 -3.20 -20.93
C ILE B 97 9.81 -4.63 -21.44
N THR B 98 11.05 -5.14 -21.54
CA THR B 98 11.28 -6.50 -21.96
C THR B 98 11.69 -7.28 -20.70
N MET B 99 11.04 -8.42 -20.44
CA MET B 99 11.42 -9.25 -19.30
C MET B 99 12.14 -10.43 -19.88
N THR B 100 12.99 -11.06 -19.09
CA THR B 100 13.71 -12.20 -19.62
C THR B 100 14.08 -13.23 -18.57
N ASP B 101 14.41 -14.42 -19.04
CA ASP B 101 14.89 -15.49 -18.18
C ASP B 101 15.30 -16.74 -18.93
N PHE B 102 16.24 -17.45 -18.31
CA PHE B 102 16.79 -18.68 -18.84
C PHE B 102 15.77 -19.83 -18.77
N LEU B 103 15.13 -19.95 -17.62
CA LEU B 103 14.15 -21.01 -17.37
C LEU B 103 12.75 -20.69 -17.84
N GLU B 104 12.18 -21.62 -18.60
CA GLU B 104 10.85 -21.45 -19.12
C GLU B 104 9.82 -21.44 -17.99
N VAL B 105 10.04 -22.27 -16.97
CA VAL B 105 9.09 -22.32 -15.86
C VAL B 105 9.00 -20.96 -15.22
N ASN B 106 10.11 -20.22 -15.27
CA ASN B 106 10.10 -18.87 -14.72
C ASN B 106 9.29 -17.98 -15.65
N ARG B 107 9.57 -18.06 -16.94
CA ARG B 107 8.84 -17.28 -17.93
C ARG B 107 7.33 -17.55 -17.79
N GLN B 108 6.98 -18.78 -17.46
CA GLN B 108 5.57 -19.17 -17.29
C GLN B 108 4.98 -18.55 -16.04
N GLU B 109 5.79 -18.46 -14.99
CA GLU B 109 5.35 -17.89 -13.74
C GLU B 109 5.00 -16.42 -13.97
N LEU B 110 5.82 -15.75 -14.75
CA LEU B 110 5.58 -14.34 -15.07
C LEU B 110 4.30 -14.26 -15.88
N GLY B 111 4.14 -15.20 -16.80
CA GLY B 111 2.96 -15.24 -17.64
C GLY B 111 1.68 -15.35 -16.83
N ARG B 112 1.73 -16.04 -15.71
CA ARG B 112 0.56 -16.22 -14.87
C ARG B 112 0.19 -14.90 -14.22
N TRP B 113 1.21 -14.14 -13.79
CA TRP B 113 0.98 -12.86 -13.17
C TRP B 113 0.48 -11.87 -14.23
N LEU B 114 1.02 -11.97 -15.44
CA LEU B 114 0.60 -11.09 -16.52
C LEU B 114 -0.88 -11.29 -16.87
N GLN B 115 -1.39 -12.51 -16.71
CA GLN B 115 -2.78 -12.83 -17.00
C GLN B 115 -3.64 -12.57 -15.75
N GLU B 116 -3.01 -12.08 -14.70
CA GLU B 116 -3.72 -11.80 -13.47
C GLU B 116 -4.44 -13.02 -12.93
N GLU B 117 -3.82 -14.19 -13.10
CA GLU B 117 -4.41 -15.42 -12.62
C GLU B 117 -4.25 -15.52 -11.11
N PRO B 118 -5.17 -16.23 -10.45
CA PRO B 118 -5.13 -16.41 -9.00
C PRO B 118 -3.95 -17.29 -8.54
N GLY B 119 -3.66 -18.33 -9.32
CA GLY B 119 -2.57 -19.22 -8.98
C GLY B 119 -1.22 -18.50 -8.99
N ALA B 120 -1.23 -17.24 -9.43
CA ALA B 120 0.00 -16.45 -9.51
C ALA B 120 0.48 -15.95 -8.15
N PHE B 121 1.75 -15.61 -8.08
CA PHE B 121 2.31 -15.09 -6.83
C PHE B 121 1.70 -13.71 -6.63
N ASN B 122 1.38 -13.35 -5.40
CA ASN B 122 0.79 -12.05 -5.13
C ASN B 122 1.81 -10.97 -4.75
N TRP B 123 1.99 -10.00 -5.65
CA TRP B 123 2.92 -8.90 -5.43
C TRP B 123 2.24 -7.61 -4.97
N SER B 124 0.94 -7.65 -4.73
CA SER B 124 0.21 -6.45 -4.30
C SER B 124 0.87 -5.73 -3.12
N MET B 125 1.45 -6.46 -2.18
CA MET B 125 2.12 -5.85 -1.03
C MET B 125 3.26 -4.96 -1.52
N TYR B 126 4.02 -5.48 -2.47
CA TYR B 126 5.13 -4.76 -3.06
C TYR B 126 4.64 -3.56 -3.86
N SER B 127 3.54 -3.74 -4.59
CA SER B 127 2.96 -2.66 -5.38
C SER B 127 2.54 -1.53 -4.47
N GLN B 128 1.91 -1.89 -3.35
CA GLN B 128 1.46 -0.89 -2.38
C GLN B 128 2.65 -0.17 -1.78
N HIS B 129 3.68 -0.93 -1.43
CA HIS B 129 4.84 -0.31 -0.82
C HIS B 129 5.50 0.67 -1.78
N ALA B 130 5.66 0.26 -3.04
CA ALA B 130 6.26 1.14 -4.04
C ALA B 130 5.45 2.45 -4.14
N CYS B 131 4.12 2.33 -4.23
CA CYS B 131 3.26 3.50 -4.33
C CYS B 131 3.43 4.39 -3.11
N LEU B 132 3.59 3.76 -1.96
CA LEU B 132 3.77 4.45 -0.71
C LEU B 132 5.04 5.31 -0.70
N ILE B 133 6.18 4.72 -1.05
CA ILE B 133 7.43 5.48 -1.02
C ILE B 133 7.65 6.40 -2.22
N GLU B 134 6.92 6.16 -3.30
CA GLU B 134 7.06 7.01 -4.47
C GLU B 134 6.36 8.36 -4.24
N GLY B 135 5.59 8.43 -3.16
CA GLY B 135 4.90 9.65 -2.76
C GLY B 135 4.00 10.39 -3.72
N LYS B 136 3.43 9.68 -4.70
CA LYS B 136 2.56 10.32 -5.66
C LYS B 136 1.09 9.97 -5.42
N GLY B 137 0.82 9.33 -4.28
CA GLY B 137 -0.54 8.95 -3.95
C GLY B 137 -1.19 8.00 -4.94
N GLU B 138 -0.39 7.30 -5.73
CA GLU B 138 -0.93 6.37 -6.72
C GLU B 138 -1.44 5.12 -6.01
N CYS B 139 -2.57 4.57 -6.46
CA CYS B 139 -3.10 3.36 -5.85
C CYS B 139 -2.35 2.19 -6.50
N TRP B 140 -2.12 1.11 -5.75
CA TRP B 140 -1.36 -0.02 -6.29
C TRP B 140 -1.95 -0.70 -7.51
N GLN B 141 -3.29 -0.72 -7.62
CA GLN B 141 -3.92 -1.36 -8.77
C GLN B 141 -3.58 -0.65 -10.07
N ASP B 142 -3.43 0.68 -10.00
CA ASP B 142 -3.07 1.46 -11.16
C ASP B 142 -1.64 1.13 -11.53
N LYS B 143 -0.79 0.98 -10.52
CA LYS B 143 0.60 0.65 -10.74
C LYS B 143 0.73 -0.71 -11.45
N GLU B 144 0.02 -1.71 -10.92
CA GLU B 144 0.07 -3.04 -11.51
C GLU B 144 -0.48 -3.07 -12.91
N ARG B 145 -1.49 -2.26 -13.15
CA ARG B 145 -2.12 -2.18 -14.46
C ARG B 145 -1.12 -1.60 -15.47
N GLN B 146 -0.31 -0.64 -15.01
CA GLN B 146 0.68 -0.01 -15.86
C GLN B 146 1.85 -0.96 -16.18
N LEU B 147 2.30 -1.71 -15.18
CA LEU B 147 3.40 -2.64 -15.40
C LEU B 147 2.99 -3.69 -16.42
N ARG B 148 1.77 -4.21 -16.28
CA ARG B 148 1.25 -5.23 -17.19
C ARG B 148 1.06 -4.68 -18.61
N ALA B 149 0.75 -3.40 -18.70
CA ALA B 149 0.56 -2.76 -20.00
C ALA B 149 1.90 -2.56 -20.67
N ARG B 150 2.90 -2.20 -19.89
CA ARG B 150 4.22 -1.93 -20.43
C ARG B 150 5.16 -3.11 -20.68
N VAL B 151 4.85 -4.28 -20.15
CA VAL B 151 5.70 -5.43 -20.42
C VAL B 151 5.28 -5.92 -21.81
N LYS B 152 6.13 -5.65 -22.80
CA LYS B 152 5.85 -6.01 -24.20
C LYS B 152 6.26 -7.40 -24.63
N ARG B 153 7.09 -8.06 -23.85
CA ARG B 153 7.54 -9.40 -24.21
C ARG B 153 8.33 -10.05 -23.08
N VAL B 154 8.32 -11.38 -23.04
CA VAL B 154 9.05 -12.16 -22.05
C VAL B 154 9.93 -13.08 -22.88
N LEU B 155 11.24 -12.83 -22.86
CA LEU B 155 12.14 -13.60 -23.68
C LEU B 155 13.13 -14.47 -22.95
N PRO B 156 13.58 -15.55 -23.62
CA PRO B 156 14.56 -16.44 -23.01
C PRO B 156 15.89 -15.72 -23.14
N ILE B 157 16.81 -15.98 -22.22
CA ILE B 157 18.09 -15.31 -22.27
C ILE B 157 19.21 -16.14 -21.66
N ASP B 158 20.42 -15.92 -22.15
CA ASP B 158 21.59 -16.61 -21.62
C ASP B 158 22.69 -15.53 -21.59
N VAL B 159 23.03 -15.09 -20.39
CA VAL B 159 24.05 -14.02 -20.26
C VAL B 159 25.45 -14.48 -20.60
N HIS B 160 25.62 -15.78 -20.83
CA HIS B 160 26.93 -16.34 -21.16
C HIS B 160 27.17 -16.28 -22.66
N GLN B 161 26.11 -16.02 -23.43
CA GLN B 161 26.24 -15.92 -24.87
C GLN B 161 26.64 -14.49 -25.22
N PRO B 162 27.51 -14.31 -26.21
CA PRO B 162 27.95 -12.96 -26.61
C PRO B 162 26.77 -12.03 -26.87
N GLN B 163 25.63 -12.62 -27.23
CA GLN B 163 24.40 -11.87 -27.45
C GLN B 163 23.38 -12.61 -26.61
N PRO B 164 23.26 -12.23 -25.34
CA PRO B 164 22.32 -12.85 -24.39
C PRO B 164 20.93 -13.21 -24.92
N LEU B 165 20.36 -12.36 -25.77
CA LEU B 165 19.02 -12.59 -26.31
C LEU B 165 19.01 -13.36 -27.63
N GLY B 166 20.20 -13.66 -28.16
CA GLY B 166 20.28 -14.37 -29.41
C GLY B 166 20.34 -13.40 -30.56
N ALA B 167 20.46 -13.91 -31.78
CA ALA B 167 20.56 -13.06 -32.96
C ALA B 167 19.16 -12.74 -33.50
N GLY B 168 19.04 -11.57 -34.14
CA GLY B 168 17.75 -11.16 -34.68
C GLY B 168 16.72 -11.07 -33.57
N SER B 169 17.19 -10.64 -32.40
CA SER B 169 16.34 -10.51 -31.23
C SER B 169 15.09 -9.67 -31.44
N PRO B 170 14.02 -10.00 -30.71
CA PRO B 170 12.74 -9.29 -30.79
C PRO B 170 12.83 -7.94 -30.10
N ALA B 171 13.42 -7.96 -28.91
CA ALA B 171 13.58 -6.77 -28.10
C ALA B 171 14.19 -5.58 -28.82
N PRO B 172 13.66 -4.37 -28.58
CA PRO B 172 14.20 -3.17 -29.21
C PRO B 172 15.63 -3.00 -28.70
N LEU B 173 16.59 -2.87 -29.60
CA LEU B 173 17.98 -2.71 -29.20
C LEU B 173 18.66 -1.56 -29.94
N PRO B 174 19.54 -0.83 -29.25
CA PRO B 174 19.89 -1.08 -27.85
C PRO B 174 18.82 -0.49 -26.93
N ALA B 175 18.74 -1.00 -25.71
CA ALA B 175 17.77 -0.53 -24.73
C ALA B 175 18.29 0.75 -24.10
N ASP B 176 17.38 1.56 -23.56
CA ASP B 176 17.78 2.81 -22.92
C ASP B 176 18.30 2.53 -21.52
N ALA B 177 17.77 1.48 -20.93
CA ALA B 177 18.17 1.09 -19.59
C ALA B 177 18.11 -0.41 -19.41
N LEU B 178 18.83 -0.89 -18.40
CA LEU B 178 18.84 -2.31 -18.05
C LEU B 178 18.64 -2.40 -16.56
N VAL B 179 17.98 -3.48 -16.13
CA VAL B 179 17.75 -3.77 -14.73
C VAL B 179 18.10 -5.24 -14.58
N SER B 180 18.74 -5.60 -13.48
CA SER B 180 19.07 -6.99 -13.26
C SER B 180 19.24 -7.21 -11.78
N ALA B 181 18.48 -8.15 -11.25
CA ALA B 181 18.58 -8.42 -9.84
C ALA B 181 18.90 -9.88 -9.55
N PHE B 182 19.97 -10.10 -8.78
CA PHE B 182 20.41 -11.42 -8.37
C PHE B 182 20.67 -12.44 -9.47
N CYS B 183 20.97 -11.96 -10.68
CA CYS B 183 21.21 -12.90 -11.78
C CYS B 183 22.67 -13.27 -12.03
N LEU B 184 23.48 -12.30 -12.45
CA LEU B 184 24.87 -12.57 -12.76
C LEU B 184 25.65 -13.42 -11.75
N GLU B 185 25.74 -13.00 -10.50
CA GLU B 185 26.49 -13.77 -9.53
C GLU B 185 25.91 -15.16 -9.23
N ALA B 186 24.65 -15.38 -9.59
CA ALA B 186 24.02 -16.67 -9.32
C ALA B 186 24.12 -17.66 -10.48
N VAL B 187 24.72 -17.23 -11.58
CA VAL B 187 24.87 -18.08 -12.75
C VAL B 187 26.32 -18.10 -13.24
N SER B 188 27.18 -17.38 -12.53
CA SER B 188 28.59 -17.30 -12.89
C SER B 188 29.42 -18.15 -11.93
N PRO B 189 30.11 -19.16 -12.46
CA PRO B 189 30.95 -20.05 -11.64
C PRO B 189 32.06 -19.31 -10.92
N ASP B 190 32.73 -18.42 -11.66
CA ASP B 190 33.84 -17.65 -11.11
C ASP B 190 33.73 -16.16 -11.45
N LEU B 191 34.56 -15.36 -10.79
CA LEU B 191 34.56 -13.92 -11.00
C LEU B 191 34.78 -13.53 -12.46
N ALA B 192 35.50 -14.36 -13.22
CA ALA B 192 35.79 -14.10 -14.63
C ALA B 192 34.55 -14.24 -15.51
N SER B 193 33.74 -15.24 -15.19
CA SER B 193 32.51 -15.50 -15.92
C SER B 193 31.60 -14.30 -15.68
N PHE B 194 31.55 -13.88 -14.41
CA PHE B 194 30.76 -12.74 -13.97
C PHE B 194 31.07 -11.53 -14.83
N GLN B 195 32.36 -11.24 -14.99
CA GLN B 195 32.81 -10.11 -15.78
C GLN B 195 32.34 -10.22 -17.22
N ARG B 196 32.50 -11.41 -17.82
CA ARG B 196 32.08 -11.62 -19.19
C ARG B 196 30.57 -11.52 -19.32
N ALA B 197 29.84 -12.02 -18.33
CA ALA B 197 28.39 -11.97 -18.37
C ALA B 197 28.00 -10.49 -18.35
N LEU B 198 28.71 -9.72 -17.55
CA LEU B 198 28.45 -8.30 -17.47
C LEU B 198 28.74 -7.65 -18.82
N ASP B 199 29.82 -8.07 -19.48
CA ASP B 199 30.17 -7.52 -20.78
C ASP B 199 29.13 -7.83 -21.85
N HIS B 200 28.53 -9.01 -21.77
CA HIS B 200 27.52 -9.43 -22.74
C HIS B 200 26.24 -8.58 -22.69
N ILE B 201 25.62 -8.53 -21.52
CA ILE B 201 24.38 -7.76 -21.37
C ILE B 201 24.63 -6.28 -21.64
N THR B 202 25.85 -5.82 -21.40
CA THR B 202 26.20 -4.43 -21.62
C THR B 202 26.11 -4.05 -23.10
N THR B 203 26.29 -5.03 -23.98
CA THR B 203 26.18 -4.77 -25.40
C THR B 203 24.73 -4.46 -25.76
N LEU B 204 23.82 -4.78 -24.86
CA LEU B 204 22.40 -4.54 -25.08
C LEU B 204 22.01 -3.13 -24.69
N LEU B 205 22.89 -2.45 -23.96
CA LEU B 205 22.61 -1.08 -23.49
C LEU B 205 23.23 0.00 -24.37
N ARG B 206 22.48 1.05 -24.66
CA ARG B 206 22.99 2.14 -25.48
C ARG B 206 24.02 2.95 -24.71
N PRO B 207 24.92 3.64 -25.43
CA PRO B 207 25.95 4.45 -24.78
C PRO B 207 25.24 5.58 -24.03
N GLY B 208 25.67 5.83 -22.80
CA GLY B 208 25.01 6.87 -22.03
C GLY B 208 23.75 6.34 -21.37
N GLY B 209 23.50 5.05 -21.57
CA GLY B 209 22.33 4.41 -20.97
C GLY B 209 22.63 4.06 -19.53
N HIS B 210 21.60 3.64 -18.79
CA HIS B 210 21.74 3.31 -17.38
C HIS B 210 21.46 1.86 -17.02
N LEU B 211 22.22 1.34 -16.05
CA LEU B 211 22.03 -0.02 -15.59
C LEU B 211 21.84 -0.03 -14.08
N LEU B 212 20.76 -0.66 -13.63
CA LEU B 212 20.48 -0.78 -12.20
C LEU B 212 20.73 -2.26 -11.89
N LEU B 213 21.70 -2.51 -11.00
CA LEU B 213 22.10 -3.85 -10.66
C LEU B 213 21.96 -4.14 -9.17
N ILE B 214 21.29 -5.24 -8.87
CA ILE B 214 21.07 -5.70 -7.51
C ILE B 214 21.63 -7.11 -7.45
N GLY B 215 22.36 -7.43 -6.38
CA GLY B 215 22.91 -8.77 -6.30
C GLY B 215 23.26 -9.20 -4.89
N ALA B 216 23.62 -10.48 -4.76
CA ALA B 216 23.98 -11.08 -3.48
C ALA B 216 25.47 -10.92 -3.16
N LEU B 217 25.78 -10.54 -1.93
CA LEU B 217 27.16 -10.34 -1.51
C LEU B 217 27.71 -11.51 -0.67
N GLU B 218 28.90 -11.99 -1.04
CA GLU B 218 29.56 -13.08 -0.34
C GLU B 218 28.70 -14.33 -0.11
N GLU B 219 28.02 -14.77 -1.15
CA GLU B 219 27.16 -15.95 -1.09
C GLU B 219 27.75 -17.09 -1.91
N SER B 220 27.60 -18.32 -1.45
CA SER B 220 28.12 -19.47 -2.20
C SER B 220 27.06 -20.50 -2.60
N TRP B 221 25.88 -20.39 -2.01
CA TRP B 221 24.79 -21.31 -2.32
C TRP B 221 23.43 -20.73 -1.89
N TYR B 222 22.36 -21.25 -2.49
CA TYR B 222 21.01 -20.85 -2.14
C TYR B 222 20.09 -21.98 -2.58
N LEU B 223 18.93 -22.08 -1.93
CA LEU B 223 17.97 -23.12 -2.25
C LEU B 223 16.78 -22.65 -3.06
N ALA B 224 16.42 -23.44 -4.06
CA ALA B 224 15.27 -23.16 -4.92
C ALA B 224 14.54 -24.49 -5.06
N GLY B 225 14.17 -25.07 -3.90
CA GLY B 225 13.51 -26.35 -3.88
C GLY B 225 14.54 -27.40 -3.49
N GLU B 226 14.57 -28.52 -4.20
CA GLU B 226 15.52 -29.57 -3.90
C GLU B 226 16.89 -29.08 -4.38
N ALA B 227 16.85 -28.12 -5.29
CA ALA B 227 18.06 -27.55 -5.86
C ALA B 227 18.86 -26.63 -4.95
N ARG B 228 20.03 -27.09 -4.52
CA ARG B 228 20.95 -26.28 -3.71
C ARG B 228 22.02 -25.83 -4.71
N LEU B 229 21.82 -24.65 -5.29
CA LEU B 229 22.73 -24.14 -6.31
C LEU B 229 23.96 -23.39 -5.83
N THR B 230 25.05 -23.57 -6.56
CA THR B 230 26.32 -22.94 -6.24
C THR B 230 26.40 -21.55 -6.84
N VAL B 231 26.92 -20.61 -6.05
CA VAL B 231 27.05 -19.23 -6.46
C VAL B 231 28.47 -18.70 -6.22
N VAL B 232 28.91 -17.75 -7.04
CA VAL B 232 30.25 -17.18 -6.87
C VAL B 232 30.17 -16.02 -5.88
N PRO B 233 30.77 -16.19 -4.69
CA PRO B 233 30.69 -15.07 -3.75
C PRO B 233 31.45 -13.87 -4.31
N VAL B 234 30.85 -12.69 -4.20
CA VAL B 234 31.48 -11.47 -4.69
C VAL B 234 31.39 -10.38 -3.63
N SER B 235 32.25 -9.38 -3.76
CA SER B 235 32.27 -8.30 -2.80
C SER B 235 31.83 -7.01 -3.49
N GLU B 236 31.57 -5.99 -2.69
CA GLU B 236 31.17 -4.71 -3.24
C GLU B 236 32.26 -4.26 -4.18
N GLU B 237 33.49 -4.23 -3.68
CA GLU B 237 34.65 -3.80 -4.46
C GLU B 237 34.86 -4.62 -5.73
N GLU B 238 34.53 -5.91 -5.68
CA GLU B 238 34.68 -6.71 -6.87
C GLU B 238 33.62 -6.26 -7.89
N VAL B 239 32.45 -5.87 -7.39
CA VAL B 239 31.37 -5.41 -8.25
C VAL B 239 31.70 -4.06 -8.90
N ARG B 240 32.27 -3.16 -8.10
CA ARG B 240 32.61 -1.84 -8.60
C ARG B 240 33.62 -1.95 -9.73
N GLU B 241 34.65 -2.77 -9.52
CA GLU B 241 35.68 -2.96 -10.52
C GLU B 241 35.11 -3.54 -11.82
N ALA B 242 34.24 -4.54 -11.68
CA ALA B 242 33.62 -5.17 -12.85
C ALA B 242 32.83 -4.14 -13.66
N LEU B 243 32.15 -3.24 -12.96
CA LEU B 243 31.37 -2.21 -13.62
C LEU B 243 32.29 -1.28 -14.39
N VAL B 244 33.38 -0.88 -13.74
CA VAL B 244 34.35 0.01 -14.37
C VAL B 244 34.94 -0.70 -15.58
N ARG B 245 35.38 -1.93 -15.35
CA ARG B 245 35.99 -2.75 -16.41
C ARG B 245 35.05 -2.88 -17.62
N SER B 246 33.75 -2.93 -17.39
CA SER B 246 32.79 -3.07 -18.47
C SER B 246 32.47 -1.77 -19.18
N GLY B 247 32.97 -0.66 -18.64
CA GLY B 247 32.75 0.64 -19.27
C GLY B 247 31.64 1.48 -18.66
N TYR B 248 31.43 1.30 -17.37
CA TYR B 248 30.40 2.06 -16.65
C TYR B 248 31.03 3.15 -15.79
N LYS B 249 30.37 4.30 -15.72
CA LYS B 249 30.52 5.21 -14.59
C LYS B 249 29.62 4.80 -13.43
N VAL B 250 30.23 4.44 -12.30
CA VAL B 250 29.49 4.08 -11.10
C VAL B 250 28.87 5.32 -10.44
N ARG B 251 27.55 5.42 -10.52
CA ARG B 251 26.84 6.56 -9.98
C ARG B 251 26.50 6.37 -8.51
N ASP B 252 26.25 5.13 -8.12
CA ASP B 252 25.89 4.79 -6.76
C ASP B 252 26.07 3.29 -6.57
N LEU B 253 26.52 2.91 -5.37
CA LEU B 253 26.72 1.52 -5.03
C LEU B 253 26.55 1.40 -3.52
N ARG B 254 25.48 0.74 -3.09
CA ARG B 254 25.21 0.62 -1.67
C ARG B 254 25.17 -0.82 -1.21
N THR B 255 25.44 -1.02 0.07
CA THR B 255 25.41 -2.35 0.65
C THR B 255 24.45 -2.44 1.81
N TYR B 256 23.66 -3.49 1.81
CA TYR B 256 22.72 -3.74 2.89
C TYR B 256 23.29 -5.00 3.55
N ILE B 257 23.50 -4.96 4.85
CA ILE B 257 24.04 -6.13 5.54
C ILE B 257 22.89 -6.98 6.07
N MET B 258 22.80 -8.20 5.57
CA MET B 258 21.73 -9.10 5.97
C MET B 258 21.71 -9.35 7.47
N PRO B 259 20.65 -8.90 8.17
CA PRO B 259 20.54 -9.08 9.61
C PRO B 259 20.26 -10.53 10.01
N ALA B 260 20.56 -10.86 11.26
CA ALA B 260 20.40 -12.21 11.77
C ALA B 260 19.09 -12.94 11.49
N HIS B 261 17.99 -12.26 11.81
N HIS B 261 17.94 -12.38 11.87
CA HIS B 261 16.63 -12.76 11.63
CA HIS B 261 16.73 -13.13 11.63
C HIS B 261 16.24 -13.01 10.18
C HIS B 261 16.36 -13.26 10.15
N LEU B 262 17.11 -12.60 9.28
CA LEU B 262 16.85 -12.75 7.85
C LEU B 262 17.71 -13.90 7.29
N GLN B 263 18.61 -14.44 8.11
CA GLN B 263 19.43 -15.58 7.71
C GLN B 263 18.63 -16.81 8.10
N THR B 264 17.83 -17.28 7.15
CA THR B 264 16.92 -18.40 7.33
C THR B 264 17.34 -19.78 6.82
N GLY B 265 18.60 -19.92 6.40
CA GLY B 265 19.04 -21.21 5.92
C GLY B 265 18.67 -21.48 4.47
N VAL B 266 18.18 -20.46 3.77
CA VAL B 266 17.82 -20.63 2.38
C VAL B 266 19.03 -20.33 1.51
N ASP B 267 20.04 -19.74 2.14
CA ASP B 267 21.30 -19.39 1.47
C ASP B 267 22.32 -18.97 2.51
N ASP B 268 23.48 -18.50 2.07
CA ASP B 268 24.48 -18.02 3.02
C ASP B 268 24.87 -16.58 2.64
N VAL B 269 23.93 -15.85 2.06
CA VAL B 269 24.20 -14.48 1.63
C VAL B 269 24.56 -13.61 2.85
N LYS B 270 25.58 -12.78 2.67
CA LYS B 270 26.04 -11.92 3.77
C LYS B 270 25.48 -10.50 3.67
N GLY B 271 25.05 -10.12 2.47
CA GLY B 271 24.50 -8.80 2.26
C GLY B 271 23.99 -8.67 0.84
N VAL B 272 23.36 -7.53 0.55
CA VAL B 272 22.84 -7.29 -0.80
C VAL B 272 23.38 -5.95 -1.26
N PHE B 273 23.67 -5.86 -2.56
CA PHE B 273 24.19 -4.62 -3.12
C PHE B 273 23.27 -4.03 -4.17
N PHE B 274 23.32 -2.71 -4.27
CA PHE B 274 22.54 -2.00 -5.24
C PHE B 274 23.48 -1.12 -6.00
N ALA B 275 23.46 -1.22 -7.32
CA ALA B 275 24.33 -0.40 -8.11
C ALA B 275 23.60 0.34 -9.21
N TRP B 276 23.92 1.63 -9.33
CA TRP B 276 23.36 2.46 -10.38
C TRP B 276 24.60 2.85 -11.18
N ALA B 277 24.71 2.29 -12.38
CA ALA B 277 25.84 2.55 -13.25
C ALA B 277 25.36 3.08 -14.59
N GLN B 278 26.19 3.91 -15.21
CA GLN B 278 25.86 4.49 -16.49
C GLN B 278 26.93 4.15 -17.52
N LYS B 279 26.54 3.44 -18.58
CA LYS B 279 27.46 3.03 -19.62
C LYS B 279 28.19 4.27 -20.15
N VAL B 280 29.36 4.54 -19.60
CA VAL B 280 30.11 5.71 -20.02
C VAL B 280 30.53 5.55 -21.48
N GLY B 281 29.95 6.38 -22.32
CA GLY B 281 30.27 6.32 -23.73
C GLY B 281 29.58 7.39 -24.56
N LEU B 282 29.81 7.28 -25.85
CA LEU B 282 29.29 8.14 -26.92
C LEU B 282 27.98 8.91 -26.69
O1 F83 C . -27.55 9.12 5.97
C1 F83 C . -26.62 8.04 6.04
C2 F83 C . -25.48 8.33 5.05
N1 F83 C . -25.97 8.29 3.67
C3 F83 C . -24.97 8.84 2.75
C4 F83 C . -23.61 8.17 2.94
C5 F83 C . -22.63 8.32 1.97
C6 F83 C . -21.37 7.77 2.15
C7 F83 C . -21.09 7.06 3.32
C8 F83 C . -22.06 6.90 4.30
C9 F83 C . -23.32 7.45 4.12
C10 F83 C . -24.38 7.28 5.20
S1 F83 C . -20.14 7.96 0.93
O2 F83 C . -19.46 9.22 1.11
O3 F83 C . -20.78 7.94 -0.43
N2 F83 C . -19.08 6.73 1.03
C11 F83 C . -17.71 6.88 1.56
C12 F83 C . -17.45 7.67 2.67
C13 F83 C . -16.18 7.74 3.21
C14 F83 C . -15.14 7.00 2.63
C15 F83 C . -15.39 6.21 1.51
C16 F83 C . -16.68 6.15 0.98
CL1 F83 C . -13.55 7.04 3.31
N SAH D . -20.65 6.17 11.31
CA SAH D . -20.89 5.16 10.28
CB SAH D . -22.39 4.81 10.23
CG SAH D . -23.33 5.99 9.98
SD SAH D . -25.01 5.47 9.63
C SAH D . -20.40 5.65 8.91
O SAH D . -20.77 5.05 7.89
OXT SAH D . -19.62 6.62 8.89
C5' SAH D . -25.90 6.03 11.13
C4' SAH D . -25.61 5.20 12.36
O4' SAH D . -26.26 5.74 13.55
C3' SAH D . -25.97 3.70 12.30
O3' SAH D . -24.84 2.90 12.62
C2' SAH D . -27.10 3.58 13.31
O2' SAH D . -27.20 2.31 13.91
C1' SAH D . -26.73 4.66 14.33
N9 SAH D . -27.83 5.11 15.20
C8 SAH D . -29.23 4.95 15.01
N7 SAH D . -29.95 5.46 15.98
C5 SAH D . -28.99 6.01 16.83
C6 SAH D . -29.18 6.69 18.04
N6 SAH D . -30.38 6.94 18.57
N1 SAH D . -28.07 7.13 18.69
C2 SAH D . -26.85 6.87 18.15
N3 SAH D . -26.56 6.22 16.99
C4 SAH D . -27.70 5.81 16.37
O1 F83 E . 21.64 -16.19 -5.38
C1 F83 E . 20.22 -16.12 -5.33
C2 F83 E . 19.81 -14.99 -4.39
N1 F83 E . 20.06 -15.38 -2.99
C3 F83 E . 19.90 -14.23 -2.09
C4 F83 E . 18.56 -13.54 -2.31
C5 F83 E . 18.07 -12.66 -1.34
C6 F83 E . 16.87 -11.99 -1.55
C7 F83 E . 16.15 -12.18 -2.72
C8 F83 E . 16.63 -13.05 -3.69
C9 F83 E . 17.83 -13.73 -3.48
C10 F83 E . 18.30 -14.73 -4.54
S1 F83 E . 16.22 -10.95 -0.29
O2 F83 E . 16.91 -9.69 -0.30
O3 F83 E . 16.43 -11.60 1.04
N2 F83 E . 14.62 -10.75 -0.53
C11 F83 E . 14.01 -9.50 -1.01
C12 F83 E . 14.61 -8.75 -2.02
C13 F83 E . 13.99 -7.60 -2.49
C14 F83 E . 12.77 -7.19 -1.97
C15 F83 E . 12.17 -7.94 -0.96
C16 F83 E . 12.79 -9.10 -0.48
CL1 F83 E . 12.00 -5.76 -2.55
N SAH F . 15.60 -11.54 -10.93
CA SAH F . 14.93 -12.37 -9.93
CB SAH F . 15.53 -13.80 -9.94
CG SAH F . 17.06 -13.93 -9.63
SD SAH F . 17.56 -15.67 -9.34
C SAH F . 15.00 -11.76 -8.53
O SAH F . 15.38 -10.57 -8.43
OXT SAH F . 14.63 -12.44 -7.55
C5' SAH F . 18.68 -16.03 -10.73
C4' SAH F . 17.95 -16.19 -12.05
O4' SAH F . 18.87 -16.32 -13.17
C3' SAH F . 16.94 -17.34 -12.18
O3' SAH F . 15.67 -16.83 -12.58
C2' SAH F . 17.58 -18.24 -13.25
O2' SAH F . 16.65 -18.96 -14.02
C1' SAH F . 18.31 -17.22 -14.11
N9 SAH F . 19.38 -17.75 -14.97
C8 SAH F . 20.01 -19.02 -14.91
N7 SAH F . 20.90 -19.19 -15.86
C5 SAH F . 20.88 -18.00 -16.55
C6 SAH F . 21.64 -17.60 -17.68
N6 SAH F . 22.53 -18.39 -18.28
N1 SAH F . 21.41 -16.36 -18.18
C2 SAH F . 20.47 -15.57 -17.58
N3 SAH F . 19.70 -15.85 -16.50
C4 SAH F . 19.96 -17.09 -16.03
#